data_6KZG
#
_entry.id   6KZG
#
_cell.length_a   69.657
_cell.length_b   79.487
_cell.length_c   106.261
_cell.angle_alpha   90.000
_cell.angle_beta   90.000
_cell.angle_gamma   90.000
#
_symmetry.space_group_name_H-M   'P 21 21 21'
#
loop_
_entity.id
_entity.type
_entity.pdbx_description
1 polymer '14-3-3 protein theta'
2 polymer ARG-SER-MET-SER-GLU-THR-GLY-THR
3 water water
#
loop_
_entity_poly.entity_id
_entity_poly.type
_entity_poly.pdbx_seq_one_letter_code
_entity_poly.pdbx_strand_id
1 'polypeptide(L)'
;MGSSHHHHHHSSGLVPRGSHMASENLYFQGEKTELIQKAKLAEQAERYDDMATCMKAVTEQGAELSNEERNLLSVAYKNV
VGGRRSAWRVISSIEQKTDTSDKKLQLIKDYREKVESELRSICTTVLELLDKYLIANATNPESKVFYLKMKGDYFRYLAE
VACGDDRKQTIDNSQGAYQEAFDISKKEMQPTHPIRLGLALNFSVFYYEILNNPELACTLAKTAFDEAIAELDTLNEDSY
KDSTLIMQLLRDNLTLWTSDSAG
;
A,B
2 'polypeptide(L)' RSM(SEP)ETGT C,Q
#
# COMPACT_ATOMS: atom_id res chain seq x y z
N GLN A 29 -9.69 23.61 -19.54
CA GLN A 29 -9.33 24.69 -18.63
C GLN A 29 -7.88 24.57 -18.18
N GLY A 30 -7.28 25.69 -17.80
CA GLY A 30 -5.90 25.71 -17.35
C GLY A 30 -5.71 24.89 -16.09
N GLU A 31 -6.78 24.77 -15.31
CA GLU A 31 -6.73 24.01 -14.07
C GLU A 31 -7.01 22.53 -14.31
N LYS A 32 -7.94 22.24 -15.21
CA LYS A 32 -8.28 20.85 -15.52
C LYS A 32 -7.08 20.08 -16.02
N THR A 33 -6.26 20.71 -16.87
CA THR A 33 -5.02 20.08 -17.30
C THR A 33 -4.07 19.86 -16.12
N GLU A 34 -3.95 20.84 -15.24
CA GLU A 34 -3.14 20.71 -14.04
C GLU A 34 -3.61 19.52 -13.20
N LEU A 35 -4.93 19.41 -13.01
CA LEU A 35 -5.49 18.37 -12.17
C LEU A 35 -5.27 16.98 -12.76
N ILE A 36 -5.44 16.84 -14.07
CA ILE A 36 -5.21 15.53 -14.67
C ILE A 36 -3.73 15.15 -14.60
N GLN A 37 -2.84 16.12 -14.82
CA GLN A 37 -1.41 15.84 -14.73
C GLN A 37 -1.01 15.37 -13.34
N LYS A 38 -1.51 16.05 -12.31
CA LYS A 38 -1.29 15.58 -10.93
C LYS A 38 -1.87 14.18 -10.74
N ALA A 39 -3.06 13.92 -11.30
CA ALA A 39 -3.68 12.61 -11.15
C ALA A 39 -2.78 11.52 -11.72
N LYS A 40 -2.23 11.74 -12.92
CA LYS A 40 -1.36 10.77 -13.55
C LYS A 40 -0.04 10.62 -12.81
N LEU A 41 0.45 11.71 -12.23
CA LEU A 41 1.63 11.61 -11.37
C LEU A 41 1.32 10.78 -10.13
N ALA A 42 0.22 11.10 -9.45
CA ALA A 42 -0.15 10.35 -8.24
C ALA A 42 -0.33 8.87 -8.54
N GLU A 43 -0.89 8.55 -9.71
CA GLU A 43 -1.10 7.14 -10.07
C GLU A 43 0.22 6.41 -10.18
N GLN A 44 1.21 6.99 -10.86
CA GLN A 44 2.47 6.27 -11.00
C GLN A 44 3.17 6.09 -9.66
N ALA A 45 2.99 7.04 -8.75
CA ALA A 45 3.55 6.99 -7.41
C ALA A 45 2.72 6.15 -6.46
N GLU A 46 1.58 5.63 -6.94
CA GLU A 46 0.65 4.84 -6.12
C GLU A 46 0.15 5.64 -4.93
N ARG A 47 -0.05 6.94 -5.13
CA ARG A 47 -0.66 7.79 -4.12
C ARG A 47 -2.13 7.96 -4.50
N TYR A 48 -2.93 6.95 -4.18
CA TYR A 48 -4.29 6.90 -4.71
C TYR A 48 -5.25 7.86 -4.03
N ASP A 49 -4.98 8.26 -2.78
CA ASP A 49 -5.78 9.32 -2.18
C ASP A 49 -5.59 10.65 -2.91
N ASP A 50 -4.33 10.98 -3.27
CA ASP A 50 -4.09 12.17 -4.08
C ASP A 50 -4.75 12.05 -5.44
N MET A 51 -4.63 10.89 -6.08
CA MET A 51 -5.24 10.67 -7.38
C MET A 51 -6.75 10.90 -7.32
N ALA A 52 -7.40 10.41 -6.26
CA ALA A 52 -8.84 10.56 -6.16
C ALA A 52 -9.24 12.01 -5.93
N THR A 53 -8.48 12.71 -5.11
CA THR A 53 -8.80 14.12 -4.86
C THR A 53 -8.76 14.91 -6.17
N CYS A 54 -7.72 14.69 -6.98
CA CYS A 54 -7.59 15.41 -8.25
C CYS A 54 -8.75 15.09 -9.20
N MET A 55 -9.11 13.82 -9.29
CA MET A 55 -10.14 13.38 -10.22
C MET A 55 -11.53 13.79 -9.75
N LYS A 56 -11.77 13.72 -8.43
CA LYS A 56 -13.00 14.27 -7.90
C LYS A 56 -13.12 15.74 -8.25
N ALA A 57 -12.00 16.48 -8.16
CA ALA A 57 -12.02 17.90 -8.47
C ALA A 57 -12.31 18.13 -9.93
N VAL A 58 -11.77 17.30 -10.82
CA VAL A 58 -12.06 17.42 -12.24
C VAL A 58 -13.55 17.22 -12.48
N THR A 59 -14.13 16.18 -11.87
CA THR A 59 -15.53 15.82 -12.06
C THR A 59 -16.47 16.95 -11.67
N GLU A 60 -16.18 17.63 -10.56
CA GLU A 60 -17.10 18.65 -10.07
C GLU A 60 -17.05 19.93 -10.90
N GLN A 61 -16.11 20.04 -11.85
CA GLN A 61 -16.19 21.12 -12.83
C GLN A 61 -17.48 21.05 -13.64
N GLY A 62 -18.01 19.84 -13.85
CA GLY A 62 -19.32 19.66 -14.45
C GLY A 62 -19.30 19.04 -15.83
N ALA A 63 -18.18 19.10 -16.53
CA ALA A 63 -18.15 18.63 -17.91
C ALA A 63 -18.02 17.12 -17.97
N GLU A 64 -18.54 16.54 -19.05
CA GLU A 64 -18.45 15.09 -19.22
C GLU A 64 -16.99 14.65 -19.34
N LEU A 65 -16.64 13.58 -18.66
CA LEU A 65 -15.27 13.09 -18.69
C LEU A 65 -14.97 12.37 -20.01
N SER A 66 -13.74 12.49 -20.46
CA SER A 66 -13.26 11.65 -21.55
C SER A 66 -13.08 10.22 -21.04
N ASN A 67 -12.93 9.27 -21.98
CA ASN A 67 -12.64 7.90 -21.57
C ASN A 67 -11.40 7.84 -20.70
N GLU A 68 -10.39 8.66 -21.04
CA GLU A 68 -9.17 8.71 -20.24
C GLU A 68 -9.46 9.22 -18.83
N GLU A 69 -10.16 10.35 -18.72
CA GLU A 69 -10.47 10.90 -17.40
C GLU A 69 -11.33 9.93 -16.61
N ARG A 70 -12.34 9.35 -17.27
CA ARG A 70 -13.23 8.38 -16.65
C ARG A 70 -12.44 7.23 -16.03
N ASN A 71 -11.42 6.74 -16.76
CA ASN A 71 -10.63 5.62 -16.25
C ASN A 71 -9.72 6.05 -15.10
N LEU A 72 -9.19 7.28 -15.14
CA LEU A 72 -8.40 7.75 -14.01
C LEU A 72 -9.25 7.83 -12.74
N LEU A 73 -10.48 8.33 -12.86
CA LEU A 73 -11.36 8.42 -11.70
C LEU A 73 -11.68 7.02 -11.17
N SER A 74 -11.92 6.07 -12.06
CA SER A 74 -12.28 4.74 -11.61
C SER A 74 -11.10 4.06 -10.94
N VAL A 75 -9.90 4.20 -11.53
CA VAL A 75 -8.72 3.58 -10.95
C VAL A 75 -8.44 4.16 -9.56
N ALA A 76 -8.61 5.47 -9.41
CA ALA A 76 -8.28 6.10 -8.14
C ALA A 76 -9.15 5.54 -7.01
N TYR A 77 -10.47 5.55 -7.20
CA TYR A 77 -11.35 5.18 -6.09
C TYR A 77 -11.37 3.67 -5.88
N LYS A 78 -11.21 2.89 -6.95
CA LYS A 78 -11.00 1.46 -6.80
C LYS A 78 -9.88 1.16 -5.82
N ASN A 79 -8.76 1.89 -5.93
CA ASN A 79 -7.63 1.65 -5.03
C ASN A 79 -7.88 2.23 -3.64
N VAL A 80 -8.51 3.40 -3.57
CA VAL A 80 -8.83 3.99 -2.27
C VAL A 80 -9.76 3.07 -1.49
N VAL A 81 -10.85 2.63 -2.11
CA VAL A 81 -11.80 1.82 -1.34
C VAL A 81 -11.27 0.41 -1.17
N GLY A 82 -10.43 -0.06 -2.10
CA GLY A 82 -9.89 -1.40 -2.01
C GLY A 82 -9.04 -1.61 -0.78
N GLY A 83 -8.31 -0.58 -0.35
CA GLY A 83 -7.49 -0.71 0.83
C GLY A 83 -8.31 -0.89 2.09
N ARG A 84 -9.49 -0.26 2.14
CA ARG A 84 -10.37 -0.41 3.30
C ARG A 84 -11.10 -1.74 3.29
N ARG A 85 -11.50 -2.22 2.11
CA ARG A 85 -12.18 -3.51 2.03
C ARG A 85 -11.27 -4.62 2.54
N SER A 86 -10.02 -4.63 2.09
CA SER A 86 -9.08 -5.64 2.55
C SER A 86 -8.83 -5.53 4.05
N ALA A 87 -8.75 -4.30 4.56
CA ALA A 87 -8.56 -4.14 6.00
C ALA A 87 -9.78 -4.61 6.76
N TRP A 88 -10.97 -4.26 6.29
CA TRP A 88 -12.20 -4.72 6.93
C TRP A 88 -12.24 -6.25 6.99
N ARG A 89 -11.88 -6.90 5.89
CA ARG A 89 -11.96 -8.36 5.84
C ARG A 89 -11.00 -9.00 6.84
N VAL A 90 -9.79 -8.45 6.95
CA VAL A 90 -8.83 -8.98 7.93
C VAL A 90 -9.40 -8.85 9.34
N ILE A 91 -9.91 -7.66 9.67
CA ILE A 91 -10.32 -7.38 11.04
C ILE A 91 -11.55 -8.20 11.41
N SER A 92 -12.49 -8.35 10.47
CA SER A 92 -13.71 -9.09 10.79
C SER A 92 -13.39 -10.55 11.03
N SER A 93 -12.47 -11.12 10.24
CA SER A 93 -12.09 -12.51 10.46
C SER A 93 -11.51 -12.70 11.85
N ILE A 94 -10.50 -11.90 12.21
CA ILE A 94 -9.97 -11.90 13.58
C ILE A 94 -11.11 -11.80 14.57
N GLU A 95 -12.06 -10.91 14.30
CA GLU A 95 -13.19 -10.71 15.20
C GLU A 95 -14.01 -11.99 15.36
N GLN A 96 -14.39 -12.62 14.23
CA GLN A 96 -15.23 -13.81 14.28
C GLN A 96 -14.58 -14.97 15.02
N LYS A 97 -13.25 -14.98 15.14
CA LYS A 97 -12.54 -16.05 15.84
C LYS A 97 -12.28 -15.73 17.30
N THR A 98 -12.49 -14.47 17.70
CA THR A 98 -12.29 -14.07 19.09
C THR A 98 -13.47 -14.53 19.95
N ASP A 99 -13.19 -14.88 21.20
CA ASP A 99 -14.23 -15.34 22.13
C ASP A 99 -15.25 -14.26 22.47
N THR A 100 -16.34 -14.67 23.12
CA THR A 100 -17.40 -13.75 23.51
C THR A 100 -16.98 -12.88 24.70
N SER A 101 -16.89 -13.49 25.88
CA SER A 101 -16.49 -12.77 27.08
C SER A 101 -15.00 -12.47 27.15
N ASP A 102 -14.32 -12.40 26.01
CA ASP A 102 -12.91 -12.01 25.98
C ASP A 102 -12.83 -10.50 26.03
N LYS A 103 -12.07 -9.98 27.00
CA LYS A 103 -11.83 -8.54 27.08
C LYS A 103 -11.46 -7.94 25.73
N LYS A 104 -10.58 -8.60 24.99
CA LYS A 104 -9.92 -8.00 23.84
C LYS A 104 -10.85 -7.84 22.63
N LEU A 105 -12.11 -8.27 22.77
CA LEU A 105 -13.05 -8.30 21.66
C LEU A 105 -13.63 -6.92 21.34
N GLN A 106 -13.91 -6.11 22.37
CA GLN A 106 -14.48 -4.78 22.14
C GLN A 106 -13.56 -3.89 21.32
N LEU A 107 -12.25 -3.91 21.63
CA LEU A 107 -11.29 -3.15 20.84
C LEU A 107 -11.32 -3.58 19.38
N ILE A 108 -11.41 -4.88 19.13
CA ILE A 108 -11.48 -5.37 17.76
C ILE A 108 -12.69 -4.80 17.04
N LYS A 109 -13.86 -4.90 17.69
CA LYS A 109 -15.10 -4.36 17.10
C LYS A 109 -14.96 -2.87 16.80
N ASP A 110 -14.45 -2.10 17.77
CA ASP A 110 -14.32 -0.67 17.58
C ASP A 110 -13.41 -0.33 16.40
N TYR A 111 -12.34 -1.11 16.22
CA TYR A 111 -11.47 -0.88 15.06
C TYR A 111 -12.20 -1.18 13.76
N ARG A 112 -12.94 -2.30 13.70
CA ARG A 112 -13.73 -2.61 12.52
C ARG A 112 -14.71 -1.48 12.20
N GLU A 113 -15.32 -0.89 13.22
CA GLU A 113 -16.27 0.19 12.99
C GLU A 113 -15.57 1.44 12.47
N LYS A 114 -14.34 1.69 12.93
CA LYS A 114 -13.58 2.81 12.39
C LYS A 114 -13.30 2.61 10.91
N VAL A 115 -12.78 1.43 10.56
CA VAL A 115 -12.53 1.13 9.15
C VAL A 115 -13.84 1.19 8.36
N GLU A 116 -14.94 0.74 8.98
CA GLU A 116 -16.23 0.73 8.31
C GLU A 116 -16.66 2.13 7.91
N SER A 117 -16.52 3.10 8.83
CA SER A 117 -16.97 4.46 8.56
C SER A 117 -16.13 5.12 7.46
N GLU A 118 -14.84 4.81 7.38
CA GLU A 118 -14.05 5.28 6.25
C GLU A 118 -14.60 4.73 4.95
N LEU A 119 -14.82 3.43 4.89
CA LEU A 119 -15.36 2.80 3.69
C LEU A 119 -16.70 3.42 3.28
N ARG A 120 -17.59 3.64 4.24
CA ARG A 120 -18.87 4.25 3.93
C ARG A 120 -18.70 5.66 3.37
N SER A 121 -17.79 6.43 3.96
CA SER A 121 -17.55 7.78 3.49
C SER A 121 -17.04 7.78 2.06
N ILE A 122 -16.14 6.85 1.73
CA ILE A 122 -15.60 6.77 0.38
C ILE A 122 -16.70 6.42 -0.61
N CYS A 123 -17.55 5.46 -0.24
CA CYS A 123 -18.59 4.96 -1.13
C CYS A 123 -19.63 6.04 -1.40
N THR A 124 -20.07 6.73 -0.35
CA THR A 124 -21.04 7.80 -0.54
C THR A 124 -20.46 8.94 -1.35
N THR A 125 -19.16 9.21 -1.22
CA THR A 125 -18.51 10.21 -2.08
C THR A 125 -18.62 9.81 -3.55
N VAL A 126 -18.24 8.57 -3.88
CA VAL A 126 -18.33 8.11 -5.26
C VAL A 126 -19.77 8.22 -5.76
N LEU A 127 -20.72 7.66 -4.99
CA LEU A 127 -22.11 7.63 -5.41
C LEU A 127 -22.66 9.03 -5.67
N GLU A 128 -22.17 10.00 -4.91
CA GLU A 128 -22.58 11.40 -5.08
C GLU A 128 -22.15 11.86 -6.46
N LEU A 129 -20.86 11.73 -6.76
CA LEU A 129 -20.33 12.13 -8.06
C LEU A 129 -21.12 11.47 -9.18
N LEU A 130 -21.44 10.19 -9.03
CA LEU A 130 -22.19 9.47 -10.06
C LEU A 130 -23.55 10.12 -10.29
N ASP A 131 -24.30 10.39 -9.21
CA ASP A 131 -25.67 10.88 -9.33
C ASP A 131 -25.70 12.33 -9.80
N LYS A 132 -24.75 13.15 -9.33
CA LYS A 132 -24.81 14.57 -9.63
C LYS A 132 -24.16 14.92 -10.98
N TYR A 133 -23.09 14.25 -11.36
CA TYR A 133 -22.36 14.61 -12.57
C TYR A 133 -22.30 13.50 -13.59
N LEU A 134 -21.93 12.28 -13.18
CA LEU A 134 -21.40 11.33 -14.16
C LEU A 134 -22.52 10.65 -14.94
N ILE A 135 -23.46 10.02 -14.25
CA ILE A 135 -24.58 9.37 -14.95
C ILE A 135 -25.34 10.40 -15.78
N ALA A 136 -25.72 11.52 -15.17
CA ALA A 136 -26.62 12.45 -15.83
C ALA A 136 -26.03 13.02 -17.11
N ASN A 137 -24.73 13.37 -17.09
CA ASN A 137 -24.09 14.00 -18.24
C ASN A 137 -23.49 13.01 -19.22
N ALA A 138 -23.78 11.72 -19.09
CA ALA A 138 -23.27 10.74 -20.05
C ALA A 138 -24.07 10.82 -21.35
N THR A 139 -23.38 10.89 -22.48
CA THR A 139 -24.03 10.90 -23.78
C THR A 139 -24.03 9.53 -24.45
N ASN A 140 -22.89 8.85 -24.45
CA ASN A 140 -22.82 7.49 -25.00
C ASN A 140 -23.64 6.55 -24.13
N PRO A 141 -24.35 5.59 -24.73
CA PRO A 141 -24.84 4.47 -23.91
C PRO A 141 -23.71 3.71 -23.25
N GLU A 142 -22.55 3.62 -23.91
CA GLU A 142 -21.40 2.95 -23.32
C GLU A 142 -20.95 3.67 -22.04
N SER A 143 -20.88 5.00 -22.09
CA SER A 143 -20.58 5.79 -20.90
C SER A 143 -21.61 5.53 -19.80
N LYS A 144 -22.89 5.55 -20.15
CA LYS A 144 -23.93 5.35 -19.14
C LYS A 144 -23.83 3.98 -18.47
N VAL A 145 -23.54 2.94 -19.26
CA VAL A 145 -23.38 1.61 -18.68
C VAL A 145 -22.20 1.58 -17.72
N PHE A 146 -21.10 2.22 -18.12
CA PHE A 146 -19.92 2.28 -17.26
C PHE A 146 -20.28 2.83 -15.88
N TYR A 147 -20.96 3.98 -15.85
CA TYR A 147 -21.29 4.67 -14.61
C TYR A 147 -22.38 3.96 -13.82
N LEU A 148 -23.42 3.44 -14.50
CA LEU A 148 -24.44 2.65 -13.79
C LEU A 148 -23.81 1.44 -13.15
N LYS A 149 -22.87 0.80 -13.85
CA LYS A 149 -22.14 -0.31 -13.26
C LYS A 149 -21.37 0.15 -12.03
N MET A 150 -20.67 1.28 -12.14
CA MET A 150 -19.92 1.82 -11.01
C MET A 150 -20.85 2.07 -9.82
N LYS A 151 -22.05 2.55 -10.11
CA LYS A 151 -23.05 2.74 -9.06
C LYS A 151 -23.39 1.42 -8.38
N GLY A 152 -23.57 0.35 -9.18
CA GLY A 152 -23.82 -0.94 -8.59
C GLY A 152 -22.66 -1.42 -7.72
N ASP A 153 -21.43 -1.23 -8.21
CA ASP A 153 -20.24 -1.64 -7.45
C ASP A 153 -20.20 -0.97 -6.08
N TYR A 154 -20.38 0.34 -6.04
CA TYR A 154 -20.14 1.03 -4.77
C TYR A 154 -21.28 0.83 -3.78
N PHE A 155 -22.53 0.64 -4.25
CA PHE A 155 -23.56 0.16 -3.35
C PHE A 155 -23.27 -1.26 -2.89
N ARG A 156 -22.66 -2.08 -3.77
CA ARG A 156 -22.29 -3.44 -3.37
C ARG A 156 -21.25 -3.42 -2.25
N TYR A 157 -20.25 -2.53 -2.35
CA TYR A 157 -19.28 -2.44 -1.27
C TYR A 157 -19.94 -1.95 0.01
N LEU A 158 -20.94 -1.06 -0.09
CA LEU A 158 -21.69 -0.68 1.09
C LEU A 158 -22.46 -1.87 1.65
N ALA A 159 -23.09 -2.65 0.77
CA ALA A 159 -23.82 -3.84 1.21
C ALA A 159 -22.91 -4.88 1.83
N GLU A 160 -21.61 -4.86 1.50
CA GLU A 160 -20.70 -5.82 2.11
C GLU A 160 -20.60 -5.61 3.62
N VAL A 161 -20.71 -4.37 4.08
CA VAL A 161 -20.51 -4.01 5.48
C VAL A 161 -21.80 -3.48 6.13
N ALA A 162 -22.94 -3.64 5.46
CA ALA A 162 -24.22 -3.21 6.02
C ALA A 162 -24.87 -4.35 6.79
N CYS A 163 -25.82 -3.98 7.66
CA CYS A 163 -26.67 -4.98 8.28
C CYS A 163 -28.01 -4.34 8.62
N GLY A 164 -29.03 -5.19 8.79
CA GLY A 164 -30.34 -4.72 9.14
C GLY A 164 -31.09 -4.13 7.95
N ASP A 165 -31.95 -3.14 8.26
CA ASP A 165 -32.64 -2.43 7.19
C ASP A 165 -31.66 -1.71 6.28
N ASP A 166 -30.53 -1.27 6.83
CA ASP A 166 -29.43 -0.74 6.03
C ASP A 166 -29.07 -1.69 4.90
N ARG A 167 -28.86 -2.96 5.23
CA ARG A 167 -28.42 -3.93 4.23
C ARG A 167 -29.46 -4.08 3.12
N LYS A 168 -30.74 -4.14 3.49
CA LYS A 168 -31.76 -4.37 2.47
C LYS A 168 -31.81 -3.22 1.47
N GLN A 169 -31.68 -1.98 1.95
CA GLN A 169 -31.77 -0.83 1.06
C GLN A 169 -30.56 -0.76 0.12
N THR A 170 -29.36 -0.95 0.67
CA THR A 170 -28.15 -0.89 -0.17
C THR A 170 -28.16 -1.98 -1.23
N ILE A 171 -28.58 -3.20 -0.87
CA ILE A 171 -28.66 -4.28 -1.85
C ILE A 171 -29.62 -3.92 -2.98
N ASP A 172 -30.82 -3.45 -2.65
CA ASP A 172 -31.76 -3.08 -3.68
C ASP A 172 -31.21 -1.96 -4.56
N ASN A 173 -30.53 -0.99 -3.94
CA ASN A 173 -29.87 0.07 -4.71
C ASN A 173 -28.81 -0.49 -5.65
N SER A 174 -27.97 -1.40 -5.16
CA SER A 174 -26.96 -2.01 -6.02
C SER A 174 -27.63 -2.77 -7.16
N GLN A 175 -28.63 -3.59 -6.83
CA GLN A 175 -29.33 -4.36 -7.86
C GLN A 175 -29.96 -3.45 -8.92
N GLY A 176 -30.66 -2.40 -8.47
CA GLY A 176 -31.32 -1.52 -9.42
C GLY A 176 -30.35 -0.94 -10.43
N ALA A 177 -29.16 -0.55 -9.98
CA ALA A 177 -28.17 0.03 -10.88
C ALA A 177 -27.61 -1.03 -11.83
N TYR A 178 -27.30 -2.22 -11.32
CA TYR A 178 -26.79 -3.27 -12.19
C TYR A 178 -27.82 -3.68 -13.23
N GLN A 179 -29.10 -3.83 -12.82
CA GLN A 179 -30.13 -4.30 -13.74
C GLN A 179 -30.35 -3.30 -14.88
N GLU A 180 -30.45 -2.01 -14.55
CA GLU A 180 -30.52 -1.00 -15.61
C GLU A 180 -29.28 -1.05 -16.49
N ALA A 181 -28.09 -1.12 -15.88
CA ALA A 181 -26.88 -1.19 -16.70
C ALA A 181 -26.91 -2.40 -17.62
N PHE A 182 -27.34 -3.53 -17.08
CA PHE A 182 -27.41 -4.78 -17.83
C PHE A 182 -28.30 -4.63 -19.06
N ASP A 183 -29.49 -4.05 -18.88
CA ASP A 183 -30.46 -3.94 -19.97
C ASP A 183 -29.93 -3.07 -21.10
N ILE A 184 -29.41 -1.89 -20.75
CA ILE A 184 -28.81 -1.00 -21.76
C ILE A 184 -27.74 -1.74 -22.55
N SER A 185 -26.81 -2.40 -21.85
CA SER A 185 -25.69 -3.02 -22.53
C SER A 185 -26.13 -4.16 -23.44
N LYS A 186 -27.20 -4.87 -23.06
CA LYS A 186 -27.75 -5.93 -23.92
C LYS A 186 -28.37 -5.35 -25.19
N LYS A 187 -28.91 -4.14 -25.13
CA LYS A 187 -29.53 -3.53 -26.31
C LYS A 187 -28.54 -2.74 -27.18
N GLU A 188 -27.51 -2.15 -26.59
CA GLU A 188 -26.66 -1.17 -27.25
C GLU A 188 -25.25 -1.66 -27.58
N MET A 189 -24.72 -2.64 -26.83
CA MET A 189 -23.33 -3.04 -26.97
C MET A 189 -23.24 -4.51 -27.33
N GLN A 190 -22.13 -4.87 -27.94
CA GLN A 190 -21.92 -6.23 -28.42
C GLN A 190 -21.45 -7.13 -27.28
N PRO A 191 -21.60 -8.45 -27.41
CA PRO A 191 -21.20 -9.34 -26.30
C PRO A 191 -19.73 -9.26 -25.97
N THR A 192 -18.87 -8.94 -26.94
CA THR A 192 -17.44 -8.85 -26.70
C THR A 192 -17.01 -7.49 -26.18
N HIS A 193 -17.91 -6.54 -26.03
CA HIS A 193 -17.51 -5.22 -25.56
C HIS A 193 -16.99 -5.34 -24.13
N PRO A 194 -15.80 -4.82 -23.84
CA PRO A 194 -15.23 -4.99 -22.48
C PRO A 194 -16.11 -4.42 -21.38
N ILE A 195 -16.81 -3.31 -21.62
CA ILE A 195 -17.67 -2.75 -20.58
C ILE A 195 -18.83 -3.69 -20.27
N ARG A 196 -19.42 -4.30 -21.30
CA ARG A 196 -20.52 -5.23 -21.10
C ARG A 196 -20.04 -6.50 -20.42
N LEU A 197 -18.88 -7.03 -20.86
CA LEU A 197 -18.27 -8.17 -20.18
C LEU A 197 -17.96 -7.84 -18.73
N GLY A 198 -17.40 -6.66 -18.47
CA GLY A 198 -17.07 -6.32 -17.11
C GLY A 198 -18.28 -6.13 -16.23
N LEU A 199 -19.39 -5.66 -16.81
CA LEU A 199 -20.62 -5.54 -16.03
C LEU A 199 -21.17 -6.92 -15.70
N ALA A 200 -21.25 -7.82 -16.68
CA ALA A 200 -21.63 -9.20 -16.40
C ALA A 200 -20.78 -9.78 -15.28
N LEU A 201 -19.46 -9.55 -15.33
CA LEU A 201 -18.56 -10.05 -14.29
C LEU A 201 -19.00 -9.55 -12.92
N ASN A 202 -19.12 -8.23 -12.77
CA ASN A 202 -19.40 -7.71 -11.43
C ASN A 202 -20.83 -8.01 -10.99
N PHE A 203 -21.77 -8.05 -11.95
CA PHE A 203 -23.15 -8.43 -11.62
C PHE A 203 -23.21 -9.87 -11.10
N SER A 204 -22.45 -10.78 -11.73
CA SER A 204 -22.43 -12.17 -11.25
C SER A 204 -21.84 -12.24 -9.84
N VAL A 205 -20.79 -11.43 -9.57
CA VAL A 205 -20.23 -11.39 -8.22
C VAL A 205 -21.28 -10.91 -7.23
N PHE A 206 -22.07 -9.90 -7.63
CA PHE A 206 -23.18 -9.44 -6.81
C PHE A 206 -24.13 -10.59 -6.47
N TYR A 207 -24.50 -11.38 -7.48
CA TYR A 207 -25.43 -12.48 -7.22
C TYR A 207 -24.81 -13.52 -6.29
N TYR A 208 -23.53 -13.81 -6.48
CA TYR A 208 -22.87 -14.84 -5.69
C TYR A 208 -22.66 -14.42 -4.25
N GLU A 209 -22.15 -13.21 -4.03
CA GLU A 209 -21.65 -12.85 -2.71
C GLU A 209 -22.62 -12.00 -1.90
N ILE A 210 -23.50 -11.24 -2.55
CA ILE A 210 -24.46 -10.40 -1.84
C ILE A 210 -25.82 -11.08 -1.77
N LEU A 211 -26.38 -11.50 -2.91
CA LEU A 211 -27.64 -12.23 -2.87
C LEU A 211 -27.47 -13.69 -2.45
N ASN A 212 -26.24 -14.19 -2.47
CA ASN A 212 -25.97 -15.61 -2.18
C ASN A 212 -26.81 -16.53 -3.07
N ASN A 213 -26.77 -16.31 -4.37
CA ASN A 213 -27.46 -17.17 -5.33
C ASN A 213 -26.38 -17.63 -6.28
N PRO A 214 -25.75 -18.77 -6.00
CA PRO A 214 -24.64 -19.21 -6.86
C PRO A 214 -25.07 -19.72 -8.24
N GLU A 215 -26.22 -20.37 -8.36
CA GLU A 215 -26.59 -20.87 -9.68
C GLU A 215 -26.88 -19.72 -10.63
N LEU A 216 -27.55 -18.67 -10.14
CA LEU A 216 -27.80 -17.50 -10.99
C LEU A 216 -26.50 -16.75 -11.28
N ALA A 217 -25.60 -16.67 -10.30
CA ALA A 217 -24.28 -16.11 -10.57
C ALA A 217 -23.57 -16.89 -11.68
N CYS A 218 -23.64 -18.23 -11.63
CA CYS A 218 -23.01 -19.03 -12.67
C CYS A 218 -23.64 -18.76 -14.03
N THR A 219 -24.97 -18.73 -14.11
CA THR A 219 -25.61 -18.51 -15.41
C THR A 219 -25.27 -17.15 -15.97
N LEU A 220 -25.31 -16.12 -15.12
CA LEU A 220 -24.96 -14.78 -15.57
C LEU A 220 -23.55 -14.75 -16.18
N ALA A 221 -22.59 -15.44 -15.55
CA ALA A 221 -21.22 -15.41 -16.04
C ALA A 221 -21.08 -16.27 -17.29
N LYS A 222 -21.67 -17.46 -17.27
CA LYS A 222 -21.57 -18.37 -18.41
C LYS A 222 -22.21 -17.77 -19.65
N THR A 223 -23.42 -17.21 -19.51
CA THR A 223 -24.09 -16.62 -20.66
C THR A 223 -23.23 -15.55 -21.30
N ALA A 224 -22.67 -14.66 -20.48
CA ALA A 224 -21.81 -13.61 -21.01
C ALA A 224 -20.58 -14.19 -21.70
N PHE A 225 -19.97 -15.22 -21.10
CA PHE A 225 -18.83 -15.85 -21.74
C PHE A 225 -19.21 -16.44 -23.10
N ASP A 226 -20.28 -17.24 -23.12
CA ASP A 226 -20.66 -17.98 -24.33
C ASP A 226 -21.06 -17.03 -25.45
N GLU A 227 -21.72 -15.93 -25.12
CA GLU A 227 -22.11 -14.99 -26.17
C GLU A 227 -20.89 -14.24 -26.73
N ALA A 228 -19.89 -13.98 -25.89
CA ALA A 228 -18.67 -13.32 -26.36
C ALA A 228 -17.82 -14.26 -27.20
N ILE A 229 -17.72 -15.53 -26.82
CA ILE A 229 -16.84 -16.42 -27.55
C ILE A 229 -17.36 -16.71 -28.95
N ALA A 230 -18.68 -16.64 -29.14
CA ALA A 230 -19.28 -16.88 -30.45
C ALA A 230 -19.04 -15.75 -31.43
N GLU A 231 -18.34 -14.69 -31.03
CA GLU A 231 -18.11 -13.53 -31.89
C GLU A 231 -16.70 -13.02 -31.74
N LEU A 232 -15.74 -13.90 -31.50
CA LEU A 232 -14.38 -13.45 -31.26
C LEU A 232 -13.74 -12.78 -32.48
N ASP A 233 -14.38 -12.78 -33.64
CA ASP A 233 -13.89 -12.00 -34.78
C ASP A 233 -14.47 -10.60 -34.82
N THR A 234 -15.71 -10.45 -34.54
CA THR A 234 -16.35 -9.19 -34.50
C THR A 234 -15.85 -8.37 -33.35
N LEU A 235 -14.59 -8.48 -33.03
CA LEU A 235 -14.01 -7.73 -31.94
C LEU A 235 -13.41 -6.40 -32.44
N SER A 239 -8.26 -3.99 -28.45
CA SER A 239 -9.23 -4.15 -27.37
C SER A 239 -9.52 -5.63 -27.11
N TYR A 240 -9.02 -6.49 -27.99
CA TYR A 240 -9.23 -7.93 -27.85
C TYR A 240 -8.58 -8.46 -26.57
N LYS A 241 -7.48 -7.83 -26.16
CA LYS A 241 -6.77 -8.23 -24.96
C LYS A 241 -7.65 -8.05 -23.72
N ASP A 242 -8.34 -6.91 -23.62
CA ASP A 242 -9.13 -6.66 -22.42
C ASP A 242 -10.37 -7.54 -22.40
N SER A 243 -10.99 -7.75 -23.56
CA SER A 243 -12.08 -8.73 -23.63
C SER A 243 -11.60 -10.11 -23.16
N THR A 244 -10.47 -10.57 -23.70
CA THR A 244 -9.97 -11.90 -23.33
C THR A 244 -9.71 -11.99 -21.83
N LEU A 245 -9.09 -10.94 -21.26
CA LEU A 245 -8.76 -11.02 -19.84
C LEU A 245 -10.00 -10.98 -18.97
N ILE A 246 -11.05 -10.25 -19.38
CA ILE A 246 -12.27 -10.25 -18.56
C ILE A 246 -12.96 -11.60 -18.66
N MET A 247 -13.03 -12.16 -19.88
CA MET A 247 -13.62 -13.48 -20.05
C MET A 247 -12.90 -14.53 -19.23
N GLN A 248 -11.59 -14.37 -19.04
CA GLN A 248 -10.83 -15.28 -18.16
C GLN A 248 -11.27 -15.13 -16.70
N LEU A 249 -11.56 -13.90 -16.26
CA LEU A 249 -12.09 -13.74 -14.90
C LEU A 249 -13.47 -14.36 -14.78
N LEU A 250 -14.30 -14.22 -15.81
CA LEU A 250 -15.61 -14.88 -15.82
C LEU A 250 -15.46 -16.38 -15.63
N ARG A 251 -14.57 -17.00 -16.40
CA ARG A 251 -14.42 -18.45 -16.32
C ARG A 251 -13.72 -18.89 -15.03
N ASP A 252 -12.78 -18.08 -14.52
CA ASP A 252 -12.18 -18.39 -13.22
C ASP A 252 -13.27 -18.51 -12.16
N ASN A 253 -14.13 -17.49 -12.05
CA ASN A 253 -15.24 -17.55 -11.11
C ASN A 253 -16.12 -18.78 -11.36
N LEU A 254 -16.42 -19.07 -12.63
CA LEU A 254 -17.32 -20.19 -12.91
C LEU A 254 -16.71 -21.50 -12.44
N THR A 255 -15.42 -21.70 -12.71
CA THR A 255 -14.74 -22.91 -12.25
C THR A 255 -14.75 -22.99 -10.74
N LEU A 256 -14.55 -21.85 -10.07
CA LEU A 256 -14.54 -21.85 -8.61
C LEU A 256 -15.92 -22.17 -8.06
N TRP A 257 -16.94 -21.50 -8.60
CA TRP A 257 -18.31 -21.68 -8.15
C TRP A 257 -18.91 -23.05 -8.42
N THR A 258 -18.53 -23.66 -9.53
CA THR A 258 -19.05 -24.98 -9.88
C THR A 258 -18.25 -26.11 -9.22
N SER A 259 -17.24 -25.73 -8.44
CA SER A 259 -16.41 -26.71 -7.74
C SER A 259 -16.73 -26.73 -6.25
N ARG B 1 -9.94 -16.99 -4.75
CA ARG B 1 -11.20 -16.43 -4.27
C ARG B 1 -12.01 -15.91 -5.45
N SER B 2 -13.26 -15.54 -5.18
CA SER B 2 -14.10 -14.88 -6.16
CA SER B 2 -14.10 -14.89 -6.18
C SER B 2 -13.43 -13.60 -6.64
N MET B 3 -13.43 -13.38 -7.96
CA MET B 3 -12.77 -12.19 -8.49
C MET B 3 -13.77 -11.25 -9.13
N GLU B 5 -14.00 -7.22 -11.22
CA GLU B 5 -13.25 -6.48 -12.24
C GLU B 5 -11.89 -5.95 -11.72
N THR B 6 -11.82 -5.66 -10.42
CA THR B 6 -10.58 -5.13 -9.85
C THR B 6 -9.43 -6.10 -9.98
N GLY B 7 -9.70 -7.40 -10.15
CA GLY B 7 -8.65 -8.37 -10.32
C GLY B 7 -7.84 -8.21 -11.60
N THR B 8 -8.30 -7.38 -12.54
CA THR B 8 -7.68 -7.25 -13.85
C THR B 8 -6.43 -6.34 -13.79
N GLN C 29 -0.22 1.32 32.49
CA GLN C 29 -0.03 -0.01 31.93
C GLN C 29 -1.30 -0.49 31.23
N GLY C 30 -2.44 0.03 31.66
CA GLY C 30 -3.71 -0.35 31.07
C GLY C 30 -3.81 0.08 29.62
N GLU C 31 -3.35 1.30 29.34
CA GLU C 31 -3.38 1.83 27.98
C GLU C 31 -2.29 1.20 27.12
N LYS C 32 -1.15 0.87 27.72
CA LYS C 32 -0.05 0.27 26.98
C LYS C 32 -0.46 -1.08 26.39
N THR C 33 -1.19 -1.89 27.16
CA THR C 33 -1.64 -3.18 26.64
C THR C 33 -2.63 -2.99 25.50
N GLU C 34 -3.52 -2.00 25.62
CA GLU C 34 -4.45 -1.67 24.54
C GLU C 34 -3.70 -1.18 23.31
N LEU C 35 -2.66 -0.37 23.51
CA LEU C 35 -1.94 0.21 22.39
C LEU C 35 -1.22 -0.88 21.58
N ILE C 36 -0.65 -1.86 22.26
CA ILE C 36 -0.01 -2.97 21.57
C ILE C 36 -1.05 -3.80 20.82
N GLN C 37 -2.19 -4.06 21.45
CA GLN C 37 -3.25 -4.82 20.79
C GLN C 37 -3.66 -4.14 19.49
N LYS C 38 -3.91 -2.83 19.55
CA LYS C 38 -4.32 -2.12 18.33
C LYS C 38 -3.18 -2.09 17.32
N ALA C 39 -1.92 -1.91 17.78
CA ALA C 39 -0.77 -1.96 16.88
C ALA C 39 -0.72 -3.28 16.10
N LYS C 40 -0.96 -4.40 16.78
CA LYS C 40 -0.89 -5.69 16.11
C LYS C 40 -2.08 -5.89 15.16
N LEU C 41 -3.25 -5.38 15.53
CA LEU C 41 -4.40 -5.42 14.63
C LEU C 41 -4.15 -4.58 13.37
N ALA C 42 -3.63 -3.36 13.56
CA ALA C 42 -3.36 -2.50 12.42
C ALA C 42 -2.34 -3.13 11.48
N GLU C 43 -1.35 -3.82 12.03
CA GLU C 43 -0.35 -4.49 11.19
C GLU C 43 -1.00 -5.54 10.29
N GLN C 44 -1.81 -6.45 10.86
CA GLN C 44 -2.45 -7.45 10.02
C GLN C 44 -3.39 -6.82 9.01
N ALA C 45 -4.01 -5.68 9.36
CA ALA C 45 -4.82 -4.91 8.41
C ALA C 45 -3.98 -4.14 7.40
N GLU C 46 -2.65 -4.10 7.61
CA GLU C 46 -1.73 -3.31 6.81
C GLU C 46 -2.06 -1.81 6.89
N ARG C 47 -2.51 -1.37 8.06
CA ARG C 47 -2.77 0.04 8.31
C ARG C 47 -1.61 0.59 9.13
N TYR C 48 -0.49 0.85 8.44
CA TYR C 48 0.76 1.14 9.13
C TYR C 48 0.81 2.53 9.74
N ASP C 49 0.07 3.49 9.19
CA ASP C 49 -0.04 4.80 9.83
C ASP C 49 -0.69 4.68 11.20
N ASP C 50 -1.78 3.92 11.28
CA ASP C 50 -2.38 3.56 12.58
C ASP C 50 -1.38 2.82 13.46
N MET C 51 -0.67 1.85 12.87
CA MET C 51 0.28 1.07 13.65
C MET C 51 1.37 1.97 14.23
N ALA C 52 1.90 2.88 13.41
CA ALA C 52 2.95 3.77 13.88
C ALA C 52 2.45 4.70 14.97
N THR C 53 1.22 5.21 14.80
CA THR C 53 0.61 6.07 15.80
C THR C 53 0.60 5.40 17.18
N CYS C 54 0.16 4.13 17.22
CA CYS C 54 0.10 3.40 18.48
C CYS C 54 1.47 3.19 19.09
N MET C 55 2.43 2.77 18.27
CA MET C 55 3.77 2.50 18.81
C MET C 55 4.48 3.78 19.24
N LYS C 56 4.24 4.90 18.56
CA LYS C 56 4.78 6.18 19.02
C LYS C 56 4.27 6.50 20.41
N ALA C 57 2.96 6.29 20.64
CA ALA C 57 2.38 6.53 21.96
C ALA C 57 3.00 5.63 23.02
N VAL C 58 3.27 4.37 22.68
CA VAL C 58 3.93 3.47 23.63
C VAL C 58 5.32 3.99 23.99
N THR C 59 6.09 4.41 22.97
CA THR C 59 7.44 4.92 23.17
C THR C 59 7.45 6.13 24.09
N GLU C 60 6.47 7.02 23.91
CA GLU C 60 6.33 8.22 24.72
C GLU C 60 5.90 7.92 26.15
N GLN C 61 5.56 6.67 26.47
CA GLN C 61 5.33 6.29 27.86
C GLN C 61 6.62 6.26 28.67
N GLY C 62 7.77 6.27 28.01
CA GLY C 62 9.05 6.47 28.68
C GLY C 62 9.78 5.20 29.05
N ALA C 63 9.10 4.07 29.11
CA ALA C 63 9.72 2.83 29.55
C ALA C 63 10.51 2.20 28.40
N GLU C 64 11.60 1.53 28.76
CA GLU C 64 12.39 0.77 27.79
C GLU C 64 11.50 -0.26 27.08
N LEU C 65 11.59 -0.29 25.76
CA LEU C 65 10.76 -1.21 24.98
C LEU C 65 11.31 -2.63 25.05
N SER C 66 10.40 -3.58 25.19
CA SER C 66 10.79 -4.96 24.97
C SER C 66 11.23 -5.17 23.52
N ASN C 67 11.79 -6.35 23.26
CA ASN C 67 12.18 -6.69 21.90
C ASN C 67 10.98 -6.76 20.97
N GLU C 68 9.85 -7.28 21.46
CA GLU C 68 8.64 -7.31 20.65
C GLU C 68 8.17 -5.91 20.31
N GLU C 69 8.10 -5.02 21.30
CA GLU C 69 7.64 -3.66 21.04
C GLU C 69 8.60 -2.93 20.12
N ARG C 70 9.90 -3.13 20.33
CA ARG C 70 10.93 -2.50 19.50
C ARG C 70 10.74 -2.87 18.03
N ASN C 71 10.52 -4.16 17.75
CA ASN C 71 10.30 -4.59 16.38
CA ASN C 71 10.33 -4.56 16.36
C ASN C 71 8.98 -4.06 15.83
N LEU C 72 7.93 -4.08 16.66
CA LEU C 72 6.66 -3.48 16.23
C LEU C 72 6.85 -2.03 15.78
N LEU C 73 7.60 -1.24 16.57
CA LEU C 73 7.86 0.15 16.20
C LEU C 73 8.64 0.23 14.90
N SER C 74 9.63 -0.65 14.75
CA SER C 74 10.47 -0.60 13.56
C SER C 74 9.68 -0.95 12.31
N VAL C 75 8.84 -1.98 12.40
CA VAL C 75 8.01 -2.38 11.26
C VAL C 75 7.05 -1.26 10.89
N ALA C 76 6.40 -0.67 11.88
CA ALA C 76 5.41 0.37 11.63
C ALA C 76 6.02 1.51 10.83
N TYR C 77 7.14 2.07 11.29
CA TYR C 77 7.74 3.23 10.63
C TYR C 77 8.46 2.86 9.35
N LYS C 78 9.00 1.65 9.26
CA LYS C 78 9.59 1.21 8.00
C LYS C 78 8.56 1.23 6.86
N ASN C 79 7.34 0.74 7.14
CA ASN C 79 6.26 0.77 6.16
C ASN C 79 5.78 2.20 5.90
N VAL C 80 5.66 3.01 6.95
CA VAL C 80 5.20 4.38 6.78
C VAL C 80 6.19 5.19 5.94
N VAL C 81 7.48 5.17 6.31
CA VAL C 81 8.46 5.91 5.52
C VAL C 81 8.63 5.27 4.15
N GLY C 82 8.54 3.94 4.07
CA GLY C 82 8.80 3.24 2.81
C GLY C 82 7.83 3.59 1.70
N GLY C 83 6.57 3.86 2.05
CA GLY C 83 5.63 4.30 1.03
C GLY C 83 5.94 5.69 0.50
N ARG C 84 6.49 6.56 1.35
CA ARG C 84 6.90 7.87 0.87
C ARG C 84 8.17 7.78 0.04
N ARG C 85 9.09 6.87 0.40
CA ARG C 85 10.31 6.73 -0.37
C ARG C 85 10.03 6.17 -1.75
N SER C 86 9.19 5.14 -1.85
CA SER C 86 8.91 4.57 -3.16
C SER C 86 8.22 5.59 -4.05
N ALA C 87 7.31 6.39 -3.48
CA ALA C 87 6.67 7.44 -4.26
C ALA C 87 7.68 8.50 -4.66
N TRP C 88 8.52 8.92 -3.72
CA TRP C 88 9.57 9.88 -4.05
C TRP C 88 10.45 9.37 -5.18
N ARG C 89 10.83 8.08 -5.13
CA ARG C 89 11.70 7.56 -6.19
C ARG C 89 11.02 7.62 -7.55
N VAL C 90 9.71 7.33 -7.59
CA VAL C 90 8.97 7.38 -8.84
C VAL C 90 8.92 8.83 -9.35
N ILE C 91 8.52 9.76 -8.49
CA ILE C 91 8.36 11.15 -8.92
C ILE C 91 9.69 11.71 -9.37
N SER C 92 10.75 11.44 -8.61
CA SER C 92 12.07 11.98 -8.96
C SER C 92 12.56 11.40 -10.27
N SER C 93 12.25 10.13 -10.53
CA SER C 93 12.65 9.50 -11.78
C SER C 93 11.96 10.16 -12.97
N ILE C 94 10.67 10.48 -12.83
CA ILE C 94 9.96 11.21 -13.87
C ILE C 94 10.56 12.59 -14.07
N GLU C 95 10.85 13.29 -12.98
CA GLU C 95 11.44 14.62 -13.07
C GLU C 95 12.80 14.59 -13.77
N GLN C 96 13.66 13.62 -13.41
CA GLN C 96 14.97 13.53 -14.05
C GLN C 96 14.84 13.40 -15.57
N LYS C 97 13.79 12.70 -16.01
CA LYS C 97 13.45 12.46 -17.41
C LYS C 97 12.75 13.64 -18.08
N THR C 98 12.37 14.68 -17.34
CA THR C 98 11.62 15.78 -17.93
C THR C 98 12.56 16.88 -18.42
N ASP C 99 12.26 17.41 -19.61
CA ASP C 99 13.02 18.54 -20.14
C ASP C 99 12.96 19.71 -19.17
N THR C 100 14.04 20.48 -19.10
CA THR C 100 14.03 21.59 -18.16
C THR C 100 13.06 22.70 -18.56
N SER C 101 12.55 22.68 -19.79
CA SER C 101 11.63 23.71 -20.27
C SER C 101 10.18 23.25 -20.33
N ASP C 102 9.87 22.04 -19.88
CA ASP C 102 8.52 21.50 -19.93
C ASP C 102 7.55 22.32 -19.06
N LYS C 103 6.31 22.55 -19.58
CA LYS C 103 5.26 23.18 -18.75
C LYS C 103 5.12 22.49 -17.40
N LYS C 104 4.99 21.18 -17.40
CA LYS C 104 4.64 20.46 -16.19
C LYS C 104 5.83 20.24 -15.27
N LEU C 105 7.01 20.76 -15.62
CA LEU C 105 8.18 20.55 -14.78
C LEU C 105 7.93 21.07 -13.37
N GLN C 106 7.43 22.30 -13.25
CA GLN C 106 7.23 22.87 -11.93
C GLN C 106 6.18 22.08 -11.16
N LEU C 107 5.13 21.63 -11.85
CA LEU C 107 4.13 20.79 -11.20
C LEU C 107 4.75 19.51 -10.66
N ILE C 108 5.66 18.91 -11.42
CA ILE C 108 6.33 17.70 -10.97
C ILE C 108 7.22 18.02 -9.77
N LYS C 109 7.98 19.10 -9.84
CA LYS C 109 8.80 19.48 -8.70
C LYS C 109 7.94 19.80 -7.48
N ASP C 110 6.85 20.54 -7.67
CA ASP C 110 5.90 20.80 -6.60
C ASP C 110 5.47 19.49 -5.94
N TYR C 111 5.19 18.47 -6.74
CA TYR C 111 4.69 17.23 -6.17
C TYR C 111 5.79 16.46 -5.46
N ARG C 112 6.98 16.42 -6.06
CA ARG C 112 8.12 15.83 -5.35
C ARG C 112 8.32 16.48 -3.99
N GLU C 113 8.24 17.82 -3.94
CA GLU C 113 8.48 18.53 -2.69
C GLU C 113 7.40 18.20 -1.66
N LYS C 114 6.14 18.12 -2.08
CA LYS C 114 5.09 17.68 -1.16
C LYS C 114 5.44 16.33 -0.52
N VAL C 115 5.91 15.38 -1.31
CA VAL C 115 6.24 14.05 -0.78
C VAL C 115 7.49 14.13 0.08
N GLU C 116 8.46 14.97 -0.31
CA GLU C 116 9.65 15.17 0.53
C GLU C 116 9.27 15.69 1.90
N SER C 117 8.31 16.61 1.93
CA SER C 117 7.89 17.18 3.19
C SER C 117 7.29 16.11 4.11
N GLU C 118 6.41 15.27 3.56
CA GLU C 118 5.91 14.12 4.32
C GLU C 118 7.07 13.26 4.80
N LEU C 119 8.00 12.96 3.89
CA LEU C 119 9.14 12.12 4.23
C LEU C 119 9.95 12.75 5.37
N ARG C 120 10.26 14.04 5.25
N ARG C 120 10.28 14.04 5.24
CA ARG C 120 11.08 14.67 6.30
CA ARG C 120 11.05 14.70 6.29
C ARG C 120 10.35 14.72 7.63
C ARG C 120 10.33 14.65 7.63
N SER C 121 9.01 14.87 7.62
CA SER C 121 8.25 14.84 8.86
C SER C 121 8.32 13.49 9.54
N ILE C 122 8.24 12.41 8.76
CA ILE C 122 8.29 11.06 9.33
C ILE C 122 9.67 10.80 9.92
N CYS C 123 10.71 11.11 9.15
CA CYS C 123 12.08 10.94 9.64
C CYS C 123 12.32 11.77 10.90
N THR C 124 11.87 13.02 10.89
CA THR C 124 12.03 13.87 12.06
C THR C 124 11.32 13.30 13.28
N THR C 125 10.15 12.70 13.07
CA THR C 125 9.41 12.09 14.17
C THR C 125 10.15 10.89 14.74
N VAL C 126 10.68 10.02 13.87
CA VAL C 126 11.41 8.86 14.34
C VAL C 126 12.69 9.30 15.04
N LEU C 127 13.41 10.27 14.45
CA LEU C 127 14.68 10.70 15.02
C LEU C 127 14.48 11.29 16.42
N GLU C 128 13.41 12.05 16.62
CA GLU C 128 13.17 12.60 17.95
C GLU C 128 12.67 11.54 18.91
N LEU C 129 11.96 10.53 18.44
CA LEU C 129 11.68 9.37 19.28
C LEU C 129 12.99 8.69 19.68
N LEU C 130 13.93 8.57 18.75
CA LEU C 130 15.17 7.87 19.02
C LEU C 130 16.03 8.62 20.04
N ASP C 131 16.04 9.94 19.94
CA ASP C 131 16.96 10.71 20.77
C ASP C 131 16.35 11.11 22.11
N LYS C 132 15.03 11.26 22.21
CA LYS C 132 14.45 11.61 23.49
C LYS C 132 14.06 10.42 24.34
N TYR C 133 13.86 9.24 23.74
CA TYR C 133 13.38 8.09 24.51
C TYR C 133 14.25 6.85 24.34
N LEU C 134 14.47 6.45 23.09
CA LEU C 134 14.98 5.11 22.82
C LEU C 134 16.49 4.99 23.10
N ILE C 135 17.29 5.87 22.49
CA ILE C 135 18.73 5.86 22.74
C ILE C 135 19.01 6.29 24.17
N ALA C 136 18.20 7.21 24.70
CA ALA C 136 18.44 7.76 26.03
C ALA C 136 18.31 6.70 27.13
N ASN C 137 17.32 5.83 27.00
CA ASN C 137 17.02 4.86 28.05
C ASN C 137 17.58 3.47 27.78
N ALA C 138 18.34 3.30 26.71
CA ALA C 138 18.95 2.01 26.44
C ALA C 138 19.98 1.69 27.52
N THR C 139 19.88 0.51 28.11
CA THR C 139 20.77 0.09 29.20
C THR C 139 21.56 -1.16 28.83
N ASN C 140 21.67 -1.48 27.55
CA ASN C 140 22.41 -2.66 27.15
C ASN C 140 22.94 -2.42 25.75
N PRO C 141 24.08 -3.04 25.39
CA PRO C 141 24.64 -2.78 24.05
C PRO C 141 23.73 -3.17 22.91
N GLU C 142 22.85 -4.17 23.07
CA GLU C 142 22.01 -4.60 21.95
C GLU C 142 21.02 -3.50 21.57
N SER C 143 20.34 -2.92 22.57
CA SER C 143 19.42 -1.83 22.29
C SER C 143 20.15 -0.63 21.73
N LYS C 144 21.36 -0.36 22.23
CA LYS C 144 22.16 0.73 21.69
C LYS C 144 22.40 0.52 20.20
N VAL C 145 22.85 -0.68 19.83
CA VAL C 145 23.12 -0.95 18.42
C VAL C 145 21.84 -0.81 17.59
N PHE C 146 20.76 -1.44 18.06
CA PHE C 146 19.49 -1.38 17.34
C PHE C 146 19.09 0.05 17.05
N TYR C 147 19.10 0.91 18.09
CA TYR C 147 18.61 2.27 17.95
C TYR C 147 19.59 3.17 17.18
N LEU C 148 20.90 2.95 17.32
CA LEU C 148 21.84 3.77 16.55
C LEU C 148 21.84 3.39 15.07
N LYS C 149 21.63 2.09 14.79
CA LYS C 149 21.39 1.67 13.41
C LYS C 149 20.15 2.36 12.85
N MET C 150 19.06 2.36 13.62
CA MET C 150 17.84 3.05 13.21
C MET C 150 18.10 4.54 12.98
N LYS C 151 18.86 5.17 13.87
CA LYS C 151 19.28 6.55 13.65
C LYS C 151 20.02 6.67 12.32
N GLY C 152 20.91 5.72 12.03
CA GLY C 152 21.61 5.74 10.77
C GLY C 152 20.67 5.64 9.59
N ASP C 153 19.70 4.73 9.69
CA ASP C 153 18.73 4.50 8.62
C ASP C 153 17.95 5.77 8.30
N TYR C 154 17.40 6.43 9.32
CA TYR C 154 16.49 7.54 9.04
C TYR C 154 17.24 8.80 8.63
N PHE C 155 18.47 9.01 9.12
CA PHE C 155 19.28 10.07 8.53
C PHE C 155 19.65 9.73 7.09
N ARG C 156 19.88 8.45 6.78
CA ARG C 156 20.15 8.06 5.40
C ARG C 156 18.96 8.35 4.50
N TYR C 157 17.75 8.09 4.98
CA TYR C 157 16.56 8.41 4.21
C TYR C 157 16.43 9.90 4.01
N LEU C 158 16.87 10.70 5.00
CA LEU C 158 16.91 12.13 4.80
C LEU C 158 17.97 12.51 3.77
N ALA C 159 19.12 11.81 3.79
CA ALA C 159 20.18 12.13 2.84
C ALA C 159 19.77 11.80 1.42
N GLU C 160 18.93 10.77 1.25
CA GLU C 160 18.46 10.36 -0.07
C GLU C 160 17.80 11.52 -0.82
N VAL C 161 17.19 12.47 -0.10
CA VAL C 161 16.46 13.56 -0.72
C VAL C 161 17.06 14.93 -0.42
N ALA C 162 18.19 14.98 0.27
CA ALA C 162 18.77 16.28 0.60
C ALA C 162 19.69 16.78 -0.52
N CYS C 163 19.90 18.09 -0.54
CA CYS C 163 20.86 18.75 -1.42
C CYS C 163 21.63 19.80 -0.62
N GLY C 164 22.66 20.38 -1.27
CA GLY C 164 23.37 21.45 -0.62
C GLY C 164 24.07 20.99 0.65
N ASP C 165 24.15 21.90 1.63
CA ASP C 165 24.90 21.60 2.84
C ASP C 165 24.14 20.70 3.81
N ASP C 166 22.81 20.74 3.83
CA ASP C 166 22.15 19.80 4.72
C ASP C 166 22.27 18.37 4.21
N ARG C 167 22.51 18.16 2.91
CA ARG C 167 22.95 16.84 2.47
C ARG C 167 24.21 16.43 3.23
N LYS C 168 25.24 17.29 3.22
CA LYS C 168 26.48 16.97 3.92
C LYS C 168 26.24 16.75 5.40
N GLN C 169 25.31 17.49 6.01
CA GLN C 169 25.05 17.35 7.43
C GLN C 169 24.28 16.06 7.73
N THR C 170 23.24 15.75 6.94
CA THR C 170 22.53 14.49 7.16
C THR C 170 23.42 13.29 6.87
N ILE C 171 24.27 13.40 5.84
CA ILE C 171 25.21 12.31 5.55
C ILE C 171 26.14 12.07 6.73
N ASP C 172 26.68 13.15 7.30
CA ASP C 172 27.58 12.99 8.44
C ASP C 172 26.85 12.45 9.67
N ASN C 173 25.60 12.87 9.87
CA ASN C 173 24.84 12.34 11.01
C ASN C 173 24.51 10.87 10.81
N SER C 174 24.21 10.47 9.57
CA SER C 174 23.88 9.07 9.34
C SER C 174 25.12 8.20 9.50
N GLN C 175 26.24 8.63 8.90
CA GLN C 175 27.49 7.87 9.02
C GLN C 175 27.95 7.78 10.47
N GLY C 176 27.87 8.89 11.22
CA GLY C 176 28.30 8.84 12.62
C GLY C 176 27.52 7.84 13.42
N ALA C 177 26.20 7.81 13.23
CA ALA C 177 25.35 6.84 13.92
C ALA C 177 25.69 5.41 13.50
N TYR C 178 25.85 5.18 12.20
CA TYR C 178 26.20 3.83 11.76
C TYR C 178 27.53 3.39 12.35
N GLN C 179 28.53 4.29 12.34
CA GLN C 179 29.85 3.92 12.80
C GLN C 179 29.86 3.57 14.28
N GLU C 180 29.14 4.33 15.09
CA GLU C 180 29.07 3.99 16.51
C GLU C 180 28.36 2.66 16.75
N ALA C 181 27.22 2.44 16.08
CA ALA C 181 26.55 1.14 16.12
C ALA C 181 27.50 0.02 15.74
N PHE C 182 28.33 0.28 14.72
CA PHE C 182 29.27 -0.71 14.22
C PHE C 182 30.37 -1.01 15.24
N ASP C 183 30.94 0.04 15.84
CA ASP C 183 31.96 -0.17 16.87
C ASP C 183 31.39 -0.95 18.06
N ILE C 184 30.21 -0.58 18.55
CA ILE C 184 29.62 -1.31 19.66
C ILE C 184 29.39 -2.77 19.28
N SER C 185 28.76 -3.02 18.13
CA SER C 185 28.41 -4.39 17.79
C SER C 185 29.64 -5.27 17.53
N LYS C 186 30.71 -4.69 16.95
CA LYS C 186 31.92 -5.52 16.76
C LYS C 186 32.51 -5.94 18.09
N LYS C 187 32.33 -5.14 19.13
CA LYS C 187 32.86 -5.43 20.46
C LYS C 187 31.93 -6.32 21.28
N GLU C 188 30.61 -6.11 21.18
CA GLU C 188 29.67 -6.72 22.13
C GLU C 188 28.78 -7.81 21.52
N MET C 189 28.65 -7.88 20.21
CA MET C 189 27.56 -8.62 19.59
C MET C 189 28.08 -9.83 18.83
N GLN C 190 27.33 -10.91 18.89
CA GLN C 190 27.67 -12.12 18.15
C GLN C 190 27.59 -11.82 16.64
N PRO C 191 28.62 -12.16 15.86
CA PRO C 191 28.65 -11.68 14.45
C PRO C 191 27.57 -12.27 13.56
N THR C 192 27.02 -13.44 13.88
CA THR C 192 25.96 -13.99 13.03
C THR C 192 24.59 -13.43 13.38
N HIS C 193 24.46 -12.66 14.45
CA HIS C 193 23.14 -12.28 14.91
C HIS C 193 22.48 -11.34 13.90
N PRO C 194 21.16 -11.47 13.70
CA PRO C 194 20.45 -10.61 12.73
C PRO C 194 20.67 -9.12 12.93
N ILE C 195 20.78 -8.65 14.17
CA ILE C 195 21.01 -7.22 14.39
C ILE C 195 22.35 -6.80 13.78
N ARG C 196 23.41 -7.56 14.07
CA ARG C 196 24.71 -7.24 13.50
C ARG C 196 24.69 -7.33 11.97
N LEU C 197 24.03 -8.37 11.45
CA LEU C 197 23.96 -8.56 10.01
C LEU C 197 23.17 -7.45 9.33
N GLY C 198 22.02 -7.08 9.91
CA GLY C 198 21.24 -5.98 9.35
C GLY C 198 21.97 -4.66 9.36
N LEU C 199 22.71 -4.38 10.44
CA LEU C 199 23.53 -3.17 10.50
C LEU C 199 24.55 -3.16 9.38
N ALA C 200 25.26 -4.27 9.19
CA ALA C 200 26.26 -4.29 8.13
C ALA C 200 25.61 -4.15 6.76
N LEU C 201 24.47 -4.83 6.57
CA LEU C 201 23.73 -4.68 5.32
C LEU C 201 23.41 -3.22 5.05
N ASN C 202 22.81 -2.55 6.04
CA ASN C 202 22.37 -1.18 5.82
C ASN C 202 23.55 -0.21 5.74
N PHE C 203 24.60 -0.44 6.55
CA PHE C 203 25.80 0.38 6.42
C PHE C 203 26.44 0.20 5.04
N SER C 204 26.53 -1.05 4.57
CA SER C 204 27.07 -1.28 3.23
C SER C 204 26.25 -0.55 2.16
N VAL C 205 24.92 -0.54 2.31
CA VAL C 205 24.06 0.19 1.38
C VAL C 205 24.37 1.68 1.44
N PHE C 206 24.53 2.21 2.65
CA PHE C 206 24.91 3.61 2.82
C PHE C 206 26.20 3.92 2.06
N TYR C 207 27.21 3.04 2.14
CA TYR C 207 28.44 3.25 1.37
C TYR C 207 28.17 3.18 -0.13
N TYR C 208 27.29 2.26 -0.55
CA TYR C 208 27.06 2.06 -1.97
C TYR C 208 26.25 3.20 -2.56
N GLU C 209 25.19 3.59 -1.88
CA GLU C 209 24.18 4.50 -2.39
C GLU C 209 24.44 5.96 -2.01
N ILE C 210 24.95 6.21 -0.81
CA ILE C 210 25.12 7.56 -0.32
C ILE C 210 26.55 8.07 -0.54
N LEU C 211 27.56 7.30 -0.13
CA LEU C 211 28.95 7.71 -0.38
C LEU C 211 29.44 7.34 -1.79
N ASN C 212 28.68 6.52 -2.52
CA ASN C 212 29.05 5.97 -3.83
C ASN C 212 30.49 5.45 -3.83
N ASN C 213 30.78 4.60 -2.85
CA ASN C 213 32.05 3.88 -2.78
C ASN C 213 31.73 2.41 -2.89
N PRO C 214 31.59 1.91 -4.13
CA PRO C 214 31.19 0.50 -4.30
C PRO C 214 32.21 -0.49 -3.76
N GLU C 215 33.51 -0.20 -3.86
CA GLU C 215 34.52 -1.12 -3.34
C GLU C 215 34.44 -1.26 -1.83
N LEU C 216 34.27 -0.16 -1.12
CA LEU C 216 34.14 -0.24 0.33
C LEU C 216 32.82 -0.89 0.74
N ALA C 217 31.76 -0.66 -0.05
CA ALA C 217 30.48 -1.32 0.23
C ALA C 217 30.61 -2.82 0.09
N CYS C 218 31.24 -3.30 -0.99
CA CYS C 218 31.48 -4.74 -1.11
C CYS C 218 32.28 -5.29 0.07
N THR C 219 33.33 -4.60 0.47
CA THR C 219 34.17 -5.16 1.51
C THR C 219 33.43 -5.21 2.84
N LEU C 220 32.66 -4.17 3.14
CA LEU C 220 31.88 -4.15 4.37
C LEU C 220 30.89 -5.31 4.40
N ALA C 221 30.22 -5.55 3.26
CA ALA C 221 29.27 -6.65 3.17
C ALA C 221 29.98 -7.99 3.25
N LYS C 222 31.07 -8.15 2.50
CA LYS C 222 31.75 -9.43 2.46
C LYS C 222 32.36 -9.78 3.81
N THR C 223 32.97 -8.79 4.48
CA THR C 223 33.57 -9.02 5.79
C THR C 223 32.52 -9.47 6.81
N ALA C 224 31.37 -8.79 6.82
CA ALA C 224 30.28 -9.19 7.71
C ALA C 224 29.81 -10.61 7.41
N PHE C 225 29.60 -10.92 6.12
CA PHE C 225 29.17 -12.27 5.77
C PHE C 225 30.20 -13.31 6.21
N ASP C 226 31.48 -13.06 5.93
CA ASP C 226 32.52 -14.04 6.27
C ASP C 226 32.62 -14.28 7.77
N GLU C 227 32.55 -13.21 8.58
CA GLU C 227 32.62 -13.37 10.03
C GLU C 227 31.39 -14.10 10.56
N ALA C 228 30.22 -13.84 9.97
CA ALA C 228 29.02 -14.56 10.35
C ALA C 228 29.15 -16.06 10.09
N ILE C 229 29.69 -16.44 8.93
CA ILE C 229 29.83 -17.86 8.65
C ILE C 229 30.85 -18.48 9.60
N ALA C 230 31.94 -17.76 9.87
CA ALA C 230 32.98 -18.28 10.76
C ALA C 230 32.47 -18.53 12.18
N GLU C 231 31.51 -17.74 12.65
CA GLU C 231 30.98 -17.90 14.01
C GLU C 231 29.59 -18.52 14.03
N LEU C 232 29.31 -19.37 13.04
CA LEU C 232 27.99 -19.97 12.91
C LEU C 232 27.62 -20.80 14.12
N ASP C 233 28.59 -21.46 14.75
CA ASP C 233 28.31 -22.37 15.84
C ASP C 233 27.86 -21.66 17.11
N THR C 234 28.06 -20.35 17.22
CA THR C 234 27.54 -19.58 18.34
C THR C 234 26.37 -18.70 17.93
N LEU C 235 25.71 -19.00 16.82
CA LEU C 235 24.53 -18.26 16.44
C LEU C 235 23.40 -18.65 17.37
N ASN C 236 22.67 -17.64 17.85
CA ASN C 236 21.52 -17.89 18.70
C ASN C 236 20.50 -18.74 17.94
N GLU C 237 20.08 -19.84 18.58
CA GLU C 237 19.31 -20.87 17.89
C GLU C 237 17.96 -20.36 17.39
N ASP C 238 17.37 -19.33 18.01
CA ASP C 238 16.09 -18.82 17.53
C ASP C 238 16.24 -17.70 16.49
N SER C 239 17.44 -17.50 15.97
CA SER C 239 17.71 -16.52 14.92
C SER C 239 18.06 -17.16 13.59
N TYR C 240 17.95 -18.49 13.48
CA TYR C 240 18.43 -19.19 12.30
C TYR C 240 17.81 -18.64 11.02
N LYS C 241 16.47 -18.49 11.02
CA LYS C 241 15.78 -18.04 9.82
C LYS C 241 16.23 -16.64 9.42
N ASP C 242 16.16 -15.69 10.35
CA ASP C 242 16.51 -14.32 10.03
C ASP C 242 17.97 -14.19 9.62
N SER C 243 18.87 -14.89 10.31
CA SER C 243 20.28 -14.77 9.94
C SER C 243 20.51 -15.33 8.54
N THR C 244 19.88 -16.46 8.22
CA THR C 244 19.98 -17.02 6.87
C THR C 244 19.48 -16.03 5.83
N LEU C 245 18.36 -15.36 6.09
CA LEU C 245 17.78 -14.47 5.09
C LEU C 245 18.58 -13.18 4.94
N ILE C 246 19.15 -12.66 6.03
CA ILE C 246 19.92 -11.42 5.89
C ILE C 246 21.28 -11.72 5.25
N MET C 247 21.93 -12.83 5.64
CA MET C 247 23.15 -13.23 4.95
C MET C 247 22.94 -13.29 3.44
N GLN C 248 21.75 -13.78 3.02
CA GLN C 248 21.46 -13.89 1.59
C GLN C 248 21.33 -12.51 0.94
N LEU C 249 20.75 -11.54 1.66
CA LEU C 249 20.68 -10.19 1.12
C LEU C 249 22.09 -9.61 0.91
N LEU C 250 23.00 -9.89 1.85
CA LEU C 250 24.40 -9.49 1.69
C LEU C 250 25.00 -10.12 0.45
N ARG C 251 24.83 -11.43 0.28
CA ARG C 251 25.34 -12.09 -0.92
C ARG C 251 24.67 -11.55 -2.19
N ASP C 252 23.36 -11.31 -2.16
CA ASP C 252 22.69 -10.78 -3.35
C ASP C 252 23.24 -9.41 -3.73
N ASN C 253 23.40 -8.53 -2.74
CA ASN C 253 24.02 -7.23 -3.00
C ASN C 253 25.43 -7.39 -3.56
N LEU C 254 26.23 -8.27 -2.95
CA LEU C 254 27.60 -8.49 -3.44
C LEU C 254 27.59 -8.94 -4.90
N THR C 255 26.70 -9.88 -5.22
CA THR C 255 26.61 -10.39 -6.59
C THR C 255 26.27 -9.26 -7.56
N LEU C 256 25.27 -8.45 -7.21
CA LEU C 256 24.89 -7.33 -8.06
C LEU C 256 26.03 -6.33 -8.20
N TRP C 257 26.61 -5.90 -7.08
CA TRP C 257 27.62 -4.85 -7.08
C TRP C 257 28.89 -5.28 -7.81
N THR C 258 29.24 -6.57 -7.76
CA THR C 258 30.44 -7.04 -8.43
C THR C 258 30.17 -7.57 -9.83
N SER C 259 28.97 -7.40 -10.35
CA SER C 259 28.68 -7.69 -11.75
C SER C 259 28.78 -6.42 -12.60
N ASP C 260 27.91 -5.45 -12.35
CA ASP C 260 27.91 -4.17 -13.04
C ASP C 260 27.07 -3.14 -12.28
N ARG D 1 17.63 -2.64 -7.65
CA ARG D 1 17.88 -4.00 -7.22
C ARG D 1 18.81 -4.10 -5.99
N SER D 2 19.58 -3.06 -5.66
CA SER D 2 20.23 -3.05 -4.35
CA SER D 2 20.23 -3.01 -4.34
C SER D 2 19.18 -3.18 -3.26
N MET D 3 19.45 -4.03 -2.27
CA MET D 3 18.48 -4.24 -1.21
C MET D 3 19.01 -3.86 0.16
N GLU D 5 17.78 -3.78 4.53
CA GLU D 5 17.07 -4.62 5.48
C GLU D 5 15.54 -4.70 5.26
N THR D 6 14.96 -3.64 4.69
CA THR D 6 13.53 -3.67 4.39
C THR D 6 13.17 -4.76 3.39
N GLY D 7 14.14 -5.25 2.62
CA GLY D 7 13.90 -6.34 1.69
C GLY D 7 13.47 -7.64 2.36
N THR D 8 13.68 -7.76 3.68
CA THR D 8 13.47 -9.03 4.37
C THR D 8 12.01 -9.21 4.80
#